data_5BYY
#
_entry.id   5BYY
#
_cell.length_a   92.791
_cell.length_b   92.791
_cell.length_c   107.321
_cell.angle_alpha   90.00
_cell.angle_beta   90.00
_cell.angle_gamma   90.00
#
_symmetry.space_group_name_H-M   'P 41 21 2'
#
loop_
_entity.id
_entity.type
_entity.pdbx_description
1 polymer 'Mitogen-activated protein kinase 7'
2 non-polymer 2-{[2-ethoxy-4-(4-hydroxypiperidin-1-yl)phenyl]amino}-5,11-dimethyl-5,11-dihydro-6H-pyrimido[4,5-b][1,4]benzodiazepin-6-one
3 water water
#
_entity_poly.entity_id   1
_entity_poly.type   'polypeptide(L)'
_entity_poly.pdbx_seq_one_letter_code
;FDVGDEYEIIETIGNGAYGVVSSARRRLTGQQVAIKKIPNAFDVVTNAKRTLRELKILKHFKHDNIIAIKDILRPTVPYG
EFKSVYVVLDLMESDLHQIIHSSQPLTLEHVRYFLYQLLRGLKYMHSAQVIHRDLKPSNLLVNENCELKIGDFGMARGLC
TSPAEHQYFMTEYVATRWYRAPELMLSLHEYTQAIDLWSVGCIFGEMLARRQLFPGKNYVHQLQLIMMVLGTPSPAVIQA
VGAERVRAYIQSLPPRQPVPWETVYPGADRQALSLLGRMLRFEPSARISAAAALRHPFLAKYHDPDDEPDCAPPFDFAFD
REALTRERIKEAIVAEIEDFHARREG
;
_entity_poly.pdbx_strand_id   A
#
loop_
_chem_comp.id
_chem_comp.type
_chem_comp.name
_chem_comp.formula
4WG non-polymer 2-{[2-ethoxy-4-(4-hydroxypiperidin-1-yl)phenyl]amino}-5,11-dimethyl-5,11-dihydro-6H-pyrimido[4,5-b][1,4]benzodiazepin-6-one 'C26 H30 N6 O3'
#
# COMPACT_ATOMS: atom_id res chain seq x y z
N PHE A 1 16.12 22.01 3.09
CA PHE A 1 16.00 21.60 1.67
C PHE A 1 17.10 22.20 0.78
N ASP A 2 17.25 21.63 -0.41
CA ASP A 2 18.27 22.03 -1.39
C ASP A 2 17.92 21.46 -2.78
N VAL A 3 17.09 22.21 -3.50
CA VAL A 3 16.54 21.79 -4.81
C VAL A 3 17.03 22.65 -6.01
N GLY A 4 17.92 23.60 -5.76
CA GLY A 4 18.47 24.45 -6.82
C GLY A 4 17.48 25.46 -7.36
N ASP A 5 17.79 26.00 -8.54
CA ASP A 5 16.94 27.01 -9.21
C ASP A 5 15.87 26.39 -10.15
N GLU A 6 15.84 25.06 -10.27
CA GLU A 6 14.87 24.37 -11.14
C GLU A 6 13.47 24.26 -10.52
N TYR A 7 13.40 24.08 -9.20
CA TYR A 7 12.12 23.99 -8.46
C TYR A 7 11.96 25.12 -7.45
N GLU A 8 10.78 25.21 -6.85
CA GLU A 8 10.41 26.28 -5.93
C GLU A 8 9.50 25.72 -4.84
N ILE A 9 9.98 25.71 -3.59
CA ILE A 9 9.24 25.11 -2.47
C ILE A 9 8.09 26.01 -2.00
N ILE A 10 6.98 25.36 -1.61
CA ILE A 10 5.80 26.04 -1.09
C ILE A 10 5.62 25.73 0.40
N GLU A 11 5.22 24.49 0.72
CA GLU A 11 4.82 24.11 2.08
C GLU A 11 5.06 22.62 2.34
N THR A 12 5.44 22.29 3.57
CA THR A 12 5.62 20.89 3.98
C THR A 12 4.24 20.25 4.17
N ILE A 13 4.05 19.07 3.57
CA ILE A 13 2.76 18.37 3.55
C ILE A 13 2.75 16.96 4.17
N GLY A 14 3.94 16.39 4.40
CA GLY A 14 4.05 15.03 4.95
C GLY A 14 5.42 14.74 5.54
N ASN A 15 5.45 13.86 6.53
CA ASN A 15 6.68 13.46 7.22
C ASN A 15 6.52 12.11 7.93
N GLY A 16 7.47 11.21 7.70
CA GLY A 16 7.47 9.87 8.31
C GLY A 16 8.82 9.52 8.89
N ALA A 17 9.06 8.22 9.06
CA ALA A 17 10.39 7.74 9.51
C ALA A 17 11.53 7.95 8.52
N TYR A 18 11.24 7.79 7.20
CA TYR A 18 12.26 7.89 6.16
C TYR A 18 11.78 8.75 4.98
N GLY A 19 11.27 9.94 5.29
CA GLY A 19 10.84 10.88 4.25
C GLY A 19 10.21 12.16 4.74
N VAL A 20 10.66 13.29 4.20
CA VAL A 20 10.07 14.61 4.40
C VAL A 20 9.52 15.10 3.06
N VAL A 21 8.20 15.00 2.89
CA VAL A 21 7.53 15.41 1.64
C VAL A 21 7.06 16.86 1.75
N SER A 22 7.29 17.62 0.67
CA SER A 22 6.91 19.02 0.57
C SER A 22 6.43 19.35 -0.83
N SER A 23 5.41 20.21 -0.93
CA SER A 23 4.91 20.67 -2.22
C SER A 23 5.84 21.71 -2.83
N ALA A 24 5.89 21.74 -4.16
CA ALA A 24 6.71 22.69 -4.90
C ALA A 24 6.20 22.88 -6.33
N ARG A 25 6.87 23.73 -7.12
CA ARG A 25 6.55 23.88 -8.55
C ARG A 25 7.81 24.12 -9.39
N ARG A 26 7.84 23.54 -10.60
CA ARG A 26 8.97 23.69 -11.50
C ARG A 26 8.92 25.06 -12.17
N ARG A 27 10.05 25.77 -12.17
CA ARG A 27 10.08 27.17 -12.63
C ARG A 27 9.97 27.36 -14.15
N LEU A 28 10.55 26.44 -14.92
CA LEU A 28 10.53 26.53 -16.39
C LEU A 28 9.12 26.38 -16.98
N THR A 29 8.30 25.53 -16.36
CA THR A 29 6.93 25.25 -16.81
C THR A 29 5.84 25.86 -15.91
N GLY A 30 6.06 25.83 -14.59
CA GLY A 30 5.10 26.35 -13.60
C GLY A 30 4.27 25.31 -12.87
N GLN A 31 4.33 24.05 -13.32
CA GLN A 31 3.46 22.99 -12.78
C GLN A 31 3.85 22.56 -11.37
N GLN A 32 2.83 22.21 -10.59
CA GLN A 32 3.00 21.80 -9.20
C GLN A 32 3.49 20.35 -9.10
N VAL A 33 4.33 20.10 -8.10
CA VAL A 33 4.94 18.79 -7.86
C VAL A 33 5.10 18.59 -6.35
N ALA A 34 5.51 17.38 -5.96
CA ALA A 34 5.87 17.06 -4.59
C ALA A 34 7.34 16.68 -4.58
N ILE A 35 8.13 17.32 -3.74
CA ILE A 35 9.53 16.96 -3.57
C ILE A 35 9.66 16.25 -2.22
N LYS A 36 10.37 15.13 -2.23
CA LYS A 36 10.55 14.29 -1.05
C LYS A 36 12.05 14.20 -0.76
N LYS A 37 12.49 14.93 0.26
CA LYS A 37 13.88 14.84 0.74
C LYS A 37 14.01 13.65 1.67
N ILE A 38 14.88 12.71 1.32
CA ILE A 38 15.30 11.62 2.18
C ILE A 38 16.61 12.08 2.82
N PRO A 39 16.56 12.64 4.05
CA PRO A 39 17.80 13.15 4.65
C PRO A 39 18.68 12.01 5.15
N ASN A 40 20.00 12.19 5.05
CA ASN A 40 20.98 11.19 5.51
C ASN A 40 20.60 9.78 5.04
N ALA A 41 20.36 9.68 3.73
CA ALA A 41 19.83 8.47 3.08
C ALA A 41 20.68 7.21 3.28
N PHE A 42 21.98 7.38 3.48
CA PHE A 42 22.95 6.29 3.49
C PHE A 42 23.54 6.00 4.87
N ASP A 43 22.97 6.59 5.92
CA ASP A 43 23.49 6.48 7.29
C ASP A 43 23.15 5.14 7.99
N VAL A 44 22.03 4.53 7.59
CA VAL A 44 21.55 3.27 8.18
C VAL A 44 21.23 2.27 7.06
N VAL A 45 21.59 1.01 7.28
CA VAL A 45 21.46 -0.02 6.25
C VAL A 45 20.01 -0.24 5.81
N THR A 46 19.11 -0.36 6.78
CA THR A 46 17.68 -0.62 6.51
C THR A 46 17.03 0.51 5.72
N ASN A 47 17.32 1.75 6.12
CA ASN A 47 16.80 2.95 5.44
C ASN A 47 17.31 3.06 4.01
N ALA A 48 18.60 2.78 3.80
CA ALA A 48 19.18 2.77 2.46
C ALA A 48 18.53 1.70 1.57
N LYS A 49 18.28 0.52 2.13
CA LYS A 49 17.64 -0.58 1.40
C LYS A 49 16.21 -0.24 0.96
N ARG A 50 15.43 0.32 1.90
CA ARG A 50 14.08 0.82 1.61
C ARG A 50 14.08 1.83 0.47
N THR A 51 15.05 2.74 0.51
CA THR A 51 15.18 3.79 -0.49
C THR A 51 15.45 3.23 -1.88
N LEU A 52 16.36 2.27 -1.96
CA LEU A 52 16.70 1.61 -3.23
C LEU A 52 15.54 0.73 -3.73
N ARG A 53 14.76 0.17 -2.81
CA ARG A 53 13.57 -0.60 -3.17
C ARG A 53 12.48 0.28 -3.76
N GLU A 54 12.21 1.42 -3.12
CA GLU A 54 11.20 2.35 -3.63
C GLU A 54 11.56 2.88 -5.01
N LEU A 55 12.83 3.26 -5.17
CA LEU A 55 13.30 3.81 -6.44
C LEU A 55 13.13 2.81 -7.58
N LYS A 56 13.48 1.55 -7.33
CA LYS A 56 13.39 0.52 -8.37
C LYS A 56 11.94 0.11 -8.68
N ILE A 57 11.11 0.01 -7.64
CA ILE A 57 9.70 -0.31 -7.81
C ILE A 57 8.96 0.81 -8.55
N LEU A 58 9.14 2.05 -8.10
CA LEU A 58 8.48 3.21 -8.75
C LEU A 58 8.98 3.46 -10.18
N LYS A 59 10.25 3.18 -10.44
CA LYS A 59 10.77 3.21 -11.82
C LYS A 59 10.19 2.11 -12.72
N HIS A 60 9.87 0.96 -12.13
CA HIS A 60 9.30 -0.17 -12.87
C HIS A 60 7.87 0.08 -13.32
N PHE A 61 7.07 0.73 -12.46
CA PHE A 61 5.65 0.94 -12.74
C PHE A 61 5.39 2.22 -13.54
N LYS A 62 4.48 2.12 -14.52
CA LYS A 62 3.93 3.28 -15.21
C LYS A 62 2.42 3.08 -15.27
N HIS A 63 1.71 3.60 -14.26
CA HIS A 63 0.27 3.38 -14.11
C HIS A 63 -0.37 4.55 -13.39
N ASP A 64 -1.53 4.99 -13.89
CA ASP A 64 -2.20 6.20 -13.39
C ASP A 64 -2.66 6.14 -11.93
N ASN A 65 -2.79 4.93 -11.38
CA ASN A 65 -3.19 4.70 -9.98
C ASN A 65 -2.04 4.27 -9.07
N ILE A 66 -0.81 4.44 -9.55
CA ILE A 66 0.40 4.25 -8.73
C ILE A 66 1.22 5.54 -8.80
N ILE A 67 1.71 6.00 -7.65
CA ILE A 67 2.57 7.19 -7.59
C ILE A 67 3.75 7.02 -8.53
N ALA A 68 4.04 8.07 -9.29
CA ALA A 68 5.13 8.06 -10.26
C ALA A 68 6.24 9.00 -9.78
N ILE A 69 7.47 8.65 -10.13
CA ILE A 69 8.61 9.54 -9.94
C ILE A 69 8.71 10.41 -11.20
N LYS A 70 8.58 11.72 -11.01
CA LYS A 70 8.70 12.72 -12.09
C LYS A 70 10.17 13.08 -12.37
N ASP A 71 10.99 13.13 -11.32
CA ASP A 71 12.42 13.44 -11.44
C ASP A 71 13.18 13.01 -10.16
N ILE A 72 14.45 12.66 -10.31
CA ILE A 72 15.36 12.45 -9.18
C ILE A 72 16.51 13.43 -9.33
N LEU A 73 16.70 14.32 -8.36
CA LEU A 73 17.75 15.34 -8.46
C LEU A 73 19.12 14.68 -8.33
N ARG A 74 20.02 15.02 -9.26
CA ARG A 74 21.40 14.52 -9.25
C ARG A 74 22.21 15.17 -8.13
N PRO A 75 23.34 14.54 -7.73
CA PRO A 75 24.18 15.16 -6.71
C PRO A 75 24.75 16.51 -7.14
N THR A 76 24.55 17.53 -6.30
CA THR A 76 25.10 18.88 -6.51
C THR A 76 26.55 18.96 -5.99
N VAL A 77 26.79 18.34 -4.83
CA VAL A 77 28.14 18.20 -4.26
C VAL A 77 28.88 17.00 -4.86
N PRO A 78 30.21 16.90 -4.62
CA PRO A 78 30.92 15.67 -4.92
C PRO A 78 30.40 14.44 -4.15
N TYR A 79 30.57 13.27 -4.75
CA TYR A 79 30.00 12.01 -4.27
C TYR A 79 30.11 11.81 -2.75
N GLY A 80 31.31 12.00 -2.22
CA GLY A 80 31.57 11.78 -0.78
C GLY A 80 30.69 12.59 0.16
N GLU A 81 30.35 13.81 -0.26
CA GLU A 81 29.48 14.72 0.50
C GLU A 81 27.98 14.58 0.17
N PHE A 82 27.63 13.67 -0.74
CA PHE A 82 26.23 13.42 -1.14
C PHE A 82 25.53 12.60 -0.05
N LYS A 83 24.78 13.27 0.80
CA LYS A 83 24.12 12.67 1.96
C LYS A 83 22.59 12.57 1.84
N SER A 84 21.98 13.57 1.19
CA SER A 84 20.52 13.66 1.06
C SER A 84 20.03 13.46 -0.38
N VAL A 85 19.06 12.57 -0.57
CA VAL A 85 18.41 12.34 -1.87
C VAL A 85 17.09 13.12 -1.95
N TYR A 86 16.87 13.78 -3.09
CA TYR A 86 15.60 14.47 -3.39
C TYR A 86 14.86 13.77 -4.53
N VAL A 87 13.63 13.33 -4.29
CA VAL A 87 12.80 12.66 -5.29
C VAL A 87 11.59 13.53 -5.58
N VAL A 88 11.37 13.83 -6.87
CA VAL A 88 10.23 14.63 -7.33
C VAL A 88 9.10 13.68 -7.75
N LEU A 89 7.92 13.89 -7.18
CA LEU A 89 6.78 12.97 -7.27
C LEU A 89 5.49 13.68 -7.72
N ASP A 90 4.48 12.91 -8.09
CA ASP A 90 3.12 13.40 -8.32
C ASP A 90 2.61 14.13 -7.09
N LEU A 91 2.11 15.37 -7.24
CA LEU A 91 1.47 16.09 -6.11
C LEU A 91 0.00 15.74 -6.06
N MET A 92 -0.48 15.44 -4.85
CA MET A 92 -1.87 15.04 -4.63
C MET A 92 -2.50 15.89 -3.53
N GLU A 93 -3.78 16.20 -3.67
CA GLU A 93 -4.50 17.16 -2.82
C GLU A 93 -4.60 16.72 -1.35
N SER A 94 -4.78 15.41 -1.15
CA SER A 94 -4.98 14.84 0.18
C SER A 94 -4.79 13.32 0.14
N ASP A 95 -5.22 12.63 1.19
CA ASP A 95 -5.33 11.16 1.18
C ASP A 95 -6.71 10.70 1.67
N LEU A 96 -6.99 9.42 1.46
CA LEU A 96 -8.30 8.83 1.73
C LEU A 96 -8.64 8.81 3.22
N HIS A 97 -7.63 8.67 4.09
CA HIS A 97 -7.85 8.76 5.53
C HIS A 97 -8.48 10.09 5.89
N GLN A 98 -7.91 11.17 5.36
CA GLN A 98 -8.43 12.50 5.59
C GLN A 98 -9.82 12.66 4.99
N ILE A 99 -10.05 12.07 3.81
CA ILE A 99 -11.34 12.16 3.12
C ILE A 99 -12.44 11.42 3.90
N ILE A 100 -12.17 10.16 4.25
CA ILE A 100 -13.10 9.35 5.02
C ILE A 100 -13.46 10.04 6.35
N HIS A 101 -12.43 10.41 7.10
CA HIS A 101 -12.61 10.94 8.47
C HIS A 101 -12.64 12.46 8.47
N SER A 102 -13.74 13.01 7.97
CA SER A 102 -13.96 14.46 7.87
C SER A 102 -15.41 14.79 7.58
N SER A 103 -15.71 16.08 7.48
CA SER A 103 -17.03 16.57 7.04
C SER A 103 -17.23 16.60 5.51
N GLN A 104 -16.26 16.10 4.74
CA GLN A 104 -16.39 15.99 3.29
C GLN A 104 -17.46 14.98 2.89
N PRO A 105 -17.97 15.05 1.65
CA PRO A 105 -18.91 14.04 1.19
C PRO A 105 -18.23 12.71 0.88
N LEU A 106 -18.92 11.61 1.16
CA LEU A 106 -18.49 10.28 0.73
C LEU A 106 -19.73 9.40 0.47
N THR A 107 -20.41 9.70 -0.64
CA THR A 107 -21.54 8.89 -1.11
C THR A 107 -21.07 7.52 -1.63
N LEU A 108 -22.03 6.63 -1.84
CA LEU A 108 -21.76 5.28 -2.36
C LEU A 108 -20.91 5.32 -3.65
N GLU A 109 -21.21 6.27 -4.53
CA GLU A 109 -20.49 6.41 -5.80
C GLU A 109 -19.02 6.78 -5.60
N HIS A 110 -18.73 7.61 -4.59
CA HIS A 110 -17.34 7.90 -4.20
C HIS A 110 -16.59 6.63 -3.83
N VAL A 111 -17.22 5.82 -2.99
CA VAL A 111 -16.64 4.54 -2.56
C VAL A 111 -16.40 3.62 -3.75
N ARG A 112 -17.40 3.52 -4.62
CA ARG A 112 -17.31 2.68 -5.81
C ARG A 112 -16.14 3.07 -6.74
N TYR A 113 -15.99 4.38 -6.98
CA TYR A 113 -14.94 4.90 -7.85
C TYR A 113 -13.57 4.79 -7.19
N PHE A 114 -13.48 5.14 -5.92
CA PHE A 114 -12.23 4.99 -5.17
C PHE A 114 -11.77 3.53 -5.15
N LEU A 115 -12.69 2.64 -4.81
CA LEU A 115 -12.40 1.21 -4.75
C LEU A 115 -11.94 0.67 -6.12
N TYR A 116 -12.69 1.02 -7.17
CA TYR A 116 -12.33 0.65 -8.55
C TYR A 116 -10.88 0.98 -8.88
N GLN A 117 -10.48 2.21 -8.54
CA GLN A 117 -9.13 2.69 -8.83
C GLN A 117 -8.04 1.99 -8.02
N LEU A 118 -8.29 1.78 -6.73
CA LEU A 118 -7.41 0.98 -5.88
C LEU A 118 -7.18 -0.40 -6.50
N LEU A 119 -8.28 -1.08 -6.83
CA LEU A 119 -8.21 -2.41 -7.44
C LEU A 119 -7.56 -2.40 -8.82
N ARG A 120 -7.83 -1.34 -9.60
CA ARG A 120 -7.18 -1.16 -10.91
C ARG A 120 -5.67 -1.11 -10.73
N GLY A 121 -5.23 -0.33 -9.74
CA GLY A 121 -3.83 -0.21 -9.38
C GLY A 121 -3.20 -1.49 -8.83
N LEU A 122 -3.97 -2.25 -8.05
CA LEU A 122 -3.49 -3.54 -7.52
C LEU A 122 -3.38 -4.64 -8.57
N LYS A 123 -4.29 -4.65 -9.56
CA LYS A 123 -4.23 -5.64 -10.65
C LYS A 123 -2.90 -5.56 -11.37
N TYR A 124 -2.53 -4.35 -11.78
CA TYR A 124 -1.23 -4.06 -12.41
C TYR A 124 -0.08 -4.45 -11.49
N MET A 125 -0.13 -4.00 -10.24
CA MET A 125 0.91 -4.29 -9.23
C MET A 125 1.12 -5.79 -9.03
N HIS A 126 0.02 -6.50 -8.79
CA HIS A 126 0.06 -7.93 -8.50
C HIS A 126 0.54 -8.76 -9.68
N SER A 127 0.22 -8.34 -10.90
CA SER A 127 0.73 -9.01 -12.11
C SER A 127 2.24 -8.88 -12.24
N ALA A 128 2.83 -7.84 -11.63
CA ALA A 128 4.29 -7.73 -11.52
C ALA A 128 4.89 -8.57 -10.38
N GLN A 129 4.05 -9.29 -9.63
CA GLN A 129 4.43 -10.11 -8.48
C GLN A 129 5.06 -9.27 -7.36
N VAL A 130 4.36 -8.18 -7.04
CA VAL A 130 4.72 -7.28 -5.95
C VAL A 130 3.55 -7.21 -4.98
N ILE A 131 3.79 -7.57 -3.73
CA ILE A 131 2.81 -7.41 -2.65
C ILE A 131 3.12 -6.09 -1.97
N HIS A 132 2.13 -5.21 -1.85
CA HIS A 132 2.32 -3.92 -1.18
C HIS A 132 2.55 -4.12 0.31
N ARG A 133 1.67 -4.92 0.93
CA ARG A 133 1.76 -5.32 2.35
C ARG A 133 1.44 -4.24 3.39
N ASP A 134 1.04 -3.04 2.97
CA ASP A 134 0.79 -1.92 3.89
C ASP A 134 -0.25 -0.95 3.30
N LEU A 135 -1.27 -1.50 2.66
CA LEU A 135 -2.36 -0.69 2.13
C LEU A 135 -3.19 -0.21 3.29
N LYS A 136 -3.31 1.10 3.42
CA LYS A 136 -4.23 1.72 4.37
C LYS A 136 -4.67 3.05 3.77
N PRO A 137 -5.81 3.61 4.23
CA PRO A 137 -6.31 4.86 3.66
C PRO A 137 -5.28 5.99 3.51
N SER A 138 -4.41 6.14 4.51
CA SER A 138 -3.39 7.21 4.49
C SER A 138 -2.29 7.03 3.44
N ASN A 139 -2.12 5.81 2.91
CA ASN A 139 -1.23 5.55 1.77
C ASN A 139 -1.95 5.63 0.41
N LEU A 140 -3.26 5.88 0.42
CA LEU A 140 -4.02 6.08 -0.81
C LEU A 140 -4.25 7.58 -1.01
N LEU A 141 -3.47 8.17 -1.91
CA LEU A 141 -3.47 9.61 -2.15
C LEU A 141 -4.52 9.98 -3.18
N VAL A 142 -5.16 11.13 -2.98
CA VAL A 142 -6.25 11.59 -3.83
C VAL A 142 -5.97 13.01 -4.31
N ASN A 143 -6.25 13.27 -5.59
CA ASN A 143 -6.00 14.57 -6.22
C ASN A 143 -7.28 15.37 -6.36
N GLU A 144 -7.15 16.58 -6.92
CA GLU A 144 -8.27 17.50 -7.10
C GLU A 144 -9.37 17.00 -8.07
N ASN A 145 -9.02 16.10 -8.99
CA ASN A 145 -9.97 15.49 -9.94
C ASN A 145 -10.47 14.08 -9.54
N CYS A 146 -10.39 13.75 -8.24
CA CYS A 146 -10.85 12.46 -7.70
C CYS A 146 -10.08 11.22 -8.18
N GLU A 147 -8.84 11.41 -8.64
CA GLU A 147 -7.98 10.29 -9.04
C GLU A 147 -7.26 9.80 -7.79
N LEU A 148 -7.19 8.48 -7.61
CA LEU A 148 -6.55 7.86 -6.44
C LEU A 148 -5.25 7.16 -6.84
N LYS A 149 -4.15 7.50 -6.17
CA LYS A 149 -2.85 6.87 -6.40
C LYS A 149 -2.36 6.14 -5.16
N ILE A 150 -1.82 4.93 -5.36
CA ILE A 150 -1.22 4.13 -4.30
C ILE A 150 0.22 4.59 -4.12
N GLY A 151 0.64 4.77 -2.87
CA GLY A 151 1.99 5.26 -2.53
C GLY A 151 2.61 4.46 -1.39
N ASP A 152 3.89 4.74 -1.12
CA ASP A 152 4.67 4.08 -0.05
C ASP A 152 4.88 2.58 -0.28
N PHE A 153 5.94 2.26 -1.03
CA PHE A 153 6.29 0.88 -1.40
C PHE A 153 7.52 0.34 -0.65
N GLY A 154 7.91 1.00 0.44
CA GLY A 154 9.06 0.56 1.25
C GLY A 154 8.85 -0.74 1.99
N MET A 155 7.59 -1.05 2.30
CA MET A 155 7.20 -2.30 2.93
C MET A 155 7.00 -3.45 1.91
N ALA A 156 7.02 -3.12 0.63
CA ALA A 156 6.66 -4.06 -0.42
C ALA A 156 7.69 -5.15 -0.62
N ARG A 157 7.19 -6.37 -0.81
CA ARG A 157 8.02 -7.55 -1.11
C ARG A 157 7.41 -8.34 -2.25
N GLY A 158 8.14 -9.34 -2.73
CA GLY A 158 7.65 -10.28 -3.72
C GLY A 158 7.20 -11.60 -3.09
N LEU A 159 6.95 -12.58 -3.95
CA LEU A 159 6.55 -13.93 -3.53
C LEU A 159 7.76 -14.68 -3.00
N TYR A 168 9.81 -11.79 7.23
CA TYR A 168 9.99 -13.21 6.88
C TYR A 168 9.61 -14.13 8.06
N PHE A 169 10.38 -14.04 9.15
CA PHE A 169 10.12 -14.83 10.36
C PHE A 169 9.02 -14.15 11.20
N MET A 170 9.26 -12.89 11.55
CA MET A 170 8.37 -12.12 12.41
C MET A 170 7.30 -11.43 11.57
N THR A 171 6.37 -12.23 11.06
CA THR A 171 5.35 -11.75 10.13
C THR A 171 4.25 -10.90 10.76
N GLU A 172 3.94 -11.12 12.04
CA GLU A 172 2.92 -10.31 12.74
C GLU A 172 3.27 -8.81 12.87
N TYR A 173 4.55 -8.46 12.72
CA TYR A 173 4.99 -7.06 12.68
C TYR A 173 5.10 -6.48 11.26
N VAL A 174 4.64 -7.20 10.24
CA VAL A 174 4.49 -6.62 8.90
C VAL A 174 3.24 -5.74 8.90
N ALA A 175 3.38 -4.50 8.44
CA ALA A 175 2.24 -3.56 8.27
C ALA A 175 1.70 -2.97 9.58
N THR A 176 0.61 -2.19 9.45
CA THR A 176 -0.13 -1.63 10.59
C THR A 176 -1.15 -2.64 11.10
N ARG A 177 -1.40 -2.61 12.41
CA ARG A 177 -2.30 -3.56 13.11
C ARG A 177 -3.70 -3.67 12.51
N TRP A 178 -4.38 -2.53 12.36
CA TRP A 178 -5.80 -2.49 11.97
C TRP A 178 -6.11 -3.01 10.57
N TYR A 179 -5.07 -3.11 9.72
CA TYR A 179 -5.20 -3.55 8.33
C TYR A 179 -4.41 -4.83 8.02
N ARG A 180 -3.84 -5.43 9.07
CA ARG A 180 -2.94 -6.57 8.92
C ARG A 180 -3.74 -7.85 8.71
N ALA A 181 -3.37 -8.61 7.69
CA ALA A 181 -4.07 -9.83 7.32
C ALA A 181 -3.87 -10.90 8.40
N PRO A 182 -4.87 -11.79 8.58
CA PRO A 182 -4.74 -12.90 9.53
C PRO A 182 -3.50 -13.77 9.33
N GLU A 183 -3.16 -14.08 8.08
CA GLU A 183 -2.03 -14.99 7.81
C GLU A 183 -0.69 -14.43 8.32
N LEU A 184 -0.54 -13.10 8.25
CA LEU A 184 0.62 -12.42 8.84
C LEU A 184 0.55 -12.46 10.37
N MET A 185 -0.61 -12.11 10.93
CA MET A 185 -0.83 -12.14 12.39
C MET A 185 -0.52 -13.50 12.99
N LEU A 186 -1.10 -14.54 12.40
CA LEU A 186 -1.04 -15.92 12.91
C LEU A 186 0.14 -16.75 12.37
N SER A 187 0.83 -16.24 11.33
CA SER A 187 1.94 -16.93 10.66
C SER A 187 1.51 -18.27 10.02
N LEU A 188 0.62 -18.17 9.03
CA LEU A 188 0.04 -19.35 8.36
C LEU A 188 0.86 -19.91 7.19
N HIS A 189 2.09 -19.41 6.99
CA HIS A 189 3.05 -19.91 5.98
C HIS A 189 2.48 -19.94 4.55
N GLU A 190 1.69 -18.92 4.22
CA GLU A 190 1.13 -18.74 2.89
C GLU A 190 0.94 -17.25 2.68
N TYR A 191 1.99 -16.59 2.21
CA TYR A 191 2.02 -15.14 2.05
C TYR A 191 2.07 -14.81 0.56
N THR A 192 0.93 -14.34 0.04
CA THR A 192 0.81 -13.96 -1.36
C THR A 192 0.08 -12.62 -1.49
N GLN A 193 -0.04 -12.14 -2.72
CA GLN A 193 -0.87 -10.98 -3.11
C GLN A 193 -2.20 -10.85 -2.32
N ALA A 194 -2.75 -12.00 -1.92
CA ALA A 194 -3.90 -12.10 -1.00
C ALA A 194 -3.84 -11.18 0.23
N ILE A 195 -2.64 -10.96 0.77
CA ILE A 195 -2.44 -10.03 1.88
C ILE A 195 -3.09 -8.68 1.60
N ASP A 196 -2.84 -8.12 0.41
CA ASP A 196 -3.36 -6.82 0.03
C ASP A 196 -4.89 -6.77 -0.06
N LEU A 197 -5.49 -7.86 -0.50
CA LEU A 197 -6.96 -7.92 -0.65
C LEU A 197 -7.70 -7.93 0.70
N TRP A 198 -7.08 -8.47 1.75
CA TRP A 198 -7.62 -8.31 3.10
C TRP A 198 -7.65 -6.83 3.47
N SER A 199 -6.50 -6.16 3.30
CA SER A 199 -6.37 -4.73 3.54
C SER A 199 -7.38 -3.92 2.73
N VAL A 200 -7.63 -4.31 1.48
CA VAL A 200 -8.63 -3.65 0.64
C VAL A 200 -10.04 -3.80 1.22
N GLY A 201 -10.32 -4.98 1.76
CA GLY A 201 -11.58 -5.23 2.46
C GLY A 201 -11.79 -4.26 3.61
N CYS A 202 -10.77 -4.12 4.46
CA CYS A 202 -10.81 -3.20 5.59
C CYS A 202 -11.01 -1.75 5.15
N ILE A 203 -10.30 -1.35 4.10
CA ILE A 203 -10.46 -0.03 3.46
C ILE A 203 -11.88 0.16 2.92
N PHE A 204 -12.42 -0.87 2.27
CA PHE A 204 -13.75 -0.82 1.67
C PHE A 204 -14.82 -0.64 2.74
N GLY A 205 -14.77 -1.49 3.77
CA GLY A 205 -15.65 -1.39 4.93
C GLY A 205 -15.53 -0.07 5.68
N GLU A 206 -14.32 0.49 5.73
CA GLU A 206 -14.11 1.80 6.33
C GLU A 206 -14.80 2.93 5.56
N MET A 207 -14.77 2.87 4.23
CA MET A 207 -15.44 3.88 3.38
C MET A 207 -16.96 3.80 3.52
N LEU A 208 -17.50 2.58 3.62
CA LEU A 208 -18.95 2.39 3.73
C LEU A 208 -19.53 2.97 5.03
N ALA A 209 -18.78 2.83 6.13
CA ALA A 209 -19.22 3.26 7.47
C ALA A 209 -18.51 4.50 8.02
N ARG A 210 -17.42 4.94 7.39
CA ARG A 210 -16.64 6.10 7.83
C ARG A 210 -16.00 5.96 9.21
N ARG A 211 -15.77 4.71 9.64
CA ARG A 211 -15.00 4.39 10.84
C ARG A 211 -14.29 3.05 10.60
N GLN A 212 -13.22 2.81 11.36
CA GLN A 212 -12.37 1.64 11.13
C GLN A 212 -13.13 0.35 11.45
N LEU A 213 -12.95 -0.66 10.62
CA LEU A 213 -13.68 -1.93 10.76
C LEU A 213 -13.18 -2.75 11.97
N PHE A 214 -11.86 -2.91 12.09
CA PHE A 214 -11.25 -3.72 13.16
C PHE A 214 -10.19 -2.93 13.96
N PRO A 215 -10.61 -1.91 14.73
CA PRO A 215 -9.68 -1.05 15.46
C PRO A 215 -9.19 -1.66 16.78
N GLY A 216 -8.31 -2.65 16.68
CA GLY A 216 -7.80 -3.37 17.85
C GLY A 216 -6.82 -2.56 18.67
N LYS A 217 -6.95 -2.65 20.00
CA LYS A 217 -6.04 -1.97 20.93
C LYS A 217 -4.72 -2.72 21.13
N ASN A 218 -4.75 -4.05 20.93
CA ASN A 218 -3.56 -4.91 21.04
C ASN A 218 -3.70 -6.17 20.18
N TYR A 219 -2.65 -6.98 20.12
CA TYR A 219 -2.62 -8.21 19.29
C TYR A 219 -3.82 -9.12 19.51
N VAL A 220 -4.12 -9.42 20.78
CA VAL A 220 -5.24 -10.28 21.13
C VAL A 220 -6.60 -9.64 20.80
N HIS A 221 -6.77 -8.37 21.15
CA HIS A 221 -8.04 -7.66 20.87
C HIS A 221 -8.29 -7.49 19.36
N GLN A 222 -7.22 -7.40 18.57
CA GLN A 222 -7.34 -7.42 17.10
C GLN A 222 -7.97 -8.74 16.65
N LEU A 223 -7.49 -9.85 17.19
CA LEU A 223 -8.07 -11.16 16.89
C LEU A 223 -9.52 -11.29 17.36
N GLN A 224 -9.85 -10.69 18.53
CA GLN A 224 -11.24 -10.70 19.03
C GLN A 224 -12.20 -10.09 18.03
N LEU A 225 -11.95 -8.82 17.68
CA LEU A 225 -12.86 -8.04 16.84
C LEU A 225 -13.06 -8.66 15.45
N ILE A 226 -12.00 -9.27 14.90
CA ILE A 226 -12.08 -10.01 13.63
C ILE A 226 -12.96 -11.26 13.76
N MET A 227 -12.78 -12.00 14.85
CA MET A 227 -13.62 -13.18 15.13
C MET A 227 -15.08 -12.85 15.49
N MET A 228 -15.34 -11.61 15.93
CA MET A 228 -16.72 -11.15 16.23
C MET A 228 -17.60 -11.00 14.98
N VAL A 229 -16.99 -10.84 13.81
CA VAL A 229 -17.71 -10.72 12.53
C VAL A 229 -17.56 -11.99 11.69
N LEU A 230 -16.32 -12.38 11.44
CA LEU A 230 -16.02 -13.58 10.65
C LEU A 230 -16.36 -14.90 11.34
N GLY A 231 -16.49 -14.86 12.67
CA GLY A 231 -16.72 -16.07 13.46
C GLY A 231 -15.40 -16.73 13.82
N THR A 232 -15.48 -17.90 14.44
CA THR A 232 -14.29 -18.67 14.81
C THR A 232 -13.69 -19.32 13.56
N PRO A 233 -12.35 -19.31 13.43
CA PRO A 233 -11.73 -19.89 12.23
C PRO A 233 -11.81 -21.41 12.21
N SER A 234 -11.69 -21.98 11.01
CA SER A 234 -11.83 -23.42 10.81
C SER A 234 -10.66 -24.18 11.42
N PRO A 235 -10.86 -25.47 11.78
CA PRO A 235 -9.76 -26.29 12.32
C PRO A 235 -8.52 -26.39 11.41
N ALA A 236 -8.72 -26.38 10.09
CA ALA A 236 -7.62 -26.38 9.11
C ALA A 236 -6.71 -25.16 9.30
N VAL A 237 -7.33 -23.99 9.44
CA VAL A 237 -6.60 -22.73 9.73
C VAL A 237 -5.98 -22.73 11.12
N ILE A 238 -6.73 -23.18 12.12
CA ILE A 238 -6.27 -23.21 13.52
C ILE A 238 -4.98 -24.01 13.67
N GLN A 239 -4.95 -25.21 13.10
CA GLN A 239 -3.75 -26.06 13.08
C GLN A 239 -2.57 -25.43 12.32
N ALA A 240 -2.87 -24.58 11.33
CA ALA A 240 -1.84 -23.85 10.57
C ALA A 240 -1.12 -22.74 11.34
N VAL A 241 -1.61 -22.37 12.53
CA VAL A 241 -0.97 -21.35 13.37
C VAL A 241 0.34 -21.89 13.96
N GLY A 242 1.40 -21.08 13.89
CA GLY A 242 2.74 -21.49 14.31
C GLY A 242 2.99 -21.41 15.80
N ALA A 243 2.55 -20.31 16.41
CA ALA A 243 2.78 -20.07 17.84
C ALA A 243 1.78 -20.83 18.71
N GLU A 244 2.28 -21.47 19.76
CA GLU A 244 1.46 -22.27 20.67
C GLU A 244 0.41 -21.46 21.45
N ARG A 245 0.77 -20.24 21.84
CA ARG A 245 -0.10 -19.39 22.69
C ARG A 245 -1.34 -18.86 21.97
N VAL A 246 -1.19 -18.48 20.72
CA VAL A 246 -2.31 -17.95 19.92
C VAL A 246 -3.34 -19.05 19.66
N ARG A 247 -2.85 -20.20 19.18
CA ARG A 247 -3.69 -21.37 18.94
C ARG A 247 -4.47 -21.77 20.20
N ALA A 248 -3.77 -21.76 21.33
CA ALA A 248 -4.38 -22.02 22.65
C ALA A 248 -5.46 -21.02 23.03
N TYR A 249 -5.25 -19.74 22.71
CA TYR A 249 -6.24 -18.69 22.98
C TYR A 249 -7.52 -18.85 22.16
N ILE A 250 -7.37 -19.16 20.87
CA ILE A 250 -8.52 -19.33 19.96
C ILE A 250 -9.37 -20.54 20.39
N GLN A 251 -8.70 -21.64 20.75
CA GLN A 251 -9.36 -22.87 21.17
C GLN A 251 -10.10 -22.76 22.52
N SER A 252 -9.65 -21.84 23.37
CA SER A 252 -10.32 -21.57 24.66
C SER A 252 -11.67 -20.86 24.50
N LEU A 253 -11.76 -19.98 23.50
CA LEU A 253 -13.01 -19.25 23.20
C LEU A 253 -14.11 -20.20 22.69
N PRO A 254 -15.39 -19.85 22.94
CA PRO A 254 -16.50 -20.67 22.46
C PRO A 254 -16.69 -20.55 20.94
N PRO A 255 -17.30 -21.57 20.29
CA PRO A 255 -17.61 -21.45 18.86
C PRO A 255 -18.57 -20.30 18.53
N ARG A 256 -18.37 -19.71 17.35
CA ARG A 256 -19.12 -18.52 16.94
C ARG A 256 -19.38 -18.56 15.44
N GLN A 257 -20.64 -18.41 15.05
CA GLN A 257 -21.02 -18.35 13.64
C GLN A 257 -20.68 -16.97 13.07
N PRO A 258 -20.38 -16.89 11.75
CA PRO A 258 -20.12 -15.56 11.16
C PRO A 258 -21.38 -14.69 11.15
N VAL A 259 -21.22 -13.42 11.55
CA VAL A 259 -22.31 -12.45 11.47
C VAL A 259 -22.41 -12.00 10.02
N PRO A 260 -23.62 -12.00 9.44
CA PRO A 260 -23.77 -11.50 8.07
C PRO A 260 -23.34 -10.03 7.94
N TRP A 261 -22.70 -9.70 6.83
CA TRP A 261 -22.30 -8.32 6.55
C TRP A 261 -23.51 -7.38 6.44
N GLU A 262 -24.64 -7.92 5.99
CA GLU A 262 -25.93 -7.18 5.99
C GLU A 262 -26.37 -6.69 7.39
N THR A 263 -25.94 -7.40 8.44
CA THR A 263 -26.18 -6.99 9.84
C THR A 263 -25.06 -6.10 10.40
N VAL A 264 -23.82 -6.35 9.97
CA VAL A 264 -22.66 -5.55 10.42
C VAL A 264 -22.75 -4.11 9.94
N TYR A 265 -23.07 -3.94 8.65
CA TYR A 265 -23.35 -2.64 8.04
C TYR A 265 -24.83 -2.60 7.60
N PRO A 266 -25.74 -2.12 8.49
CA PRO A 266 -27.20 -2.20 8.22
C PRO A 266 -27.70 -1.48 6.97
N GLY A 267 -27.39 -0.18 6.88
CA GLY A 267 -27.90 0.67 5.78
C GLY A 267 -27.17 0.57 4.45
N ALA A 268 -26.03 -0.12 4.43
CA ALA A 268 -25.13 -0.15 3.25
C ALA A 268 -25.72 -0.89 2.03
N ASP A 269 -25.07 -0.69 0.88
CA ASP A 269 -25.54 -1.23 -0.41
C ASP A 269 -25.38 -2.75 -0.47
N ARG A 270 -26.34 -3.41 -1.10
CA ARG A 270 -26.37 -4.88 -1.22
C ARG A 270 -25.22 -5.44 -2.08
N GLN A 271 -24.93 -4.77 -3.20
CA GLN A 271 -23.85 -5.20 -4.11
C GLN A 271 -22.45 -4.96 -3.52
N ALA A 272 -22.33 -3.96 -2.66
CA ALA A 272 -21.07 -3.64 -1.98
C ALA A 272 -20.71 -4.73 -0.98
N LEU A 273 -21.65 -5.02 -0.08
CA LEU A 273 -21.45 -6.05 0.96
C LEU A 273 -21.13 -7.44 0.39
N SER A 274 -21.67 -7.74 -0.78
CA SER A 274 -21.30 -8.96 -1.53
C SER A 274 -19.80 -9.00 -1.83
N LEU A 275 -19.26 -7.93 -2.41
CA LEU A 275 -17.83 -7.86 -2.75
C LEU A 275 -16.94 -7.80 -1.51
N LEU A 276 -17.43 -7.14 -0.45
CA LEU A 276 -16.71 -7.08 0.83
C LEU A 276 -16.52 -8.49 1.42
N GLY A 277 -17.60 -9.27 1.40
CA GLY A 277 -17.58 -10.66 1.84
C GLY A 277 -16.58 -11.55 1.12
N ARG A 278 -16.34 -11.29 -0.16
CA ARG A 278 -15.34 -12.01 -0.95
C ARG A 278 -13.87 -11.63 -0.58
N MET A 279 -13.68 -10.50 0.08
CA MET A 279 -12.35 -10.02 0.48
C MET A 279 -11.97 -10.46 1.90
N LEU A 280 -12.85 -10.19 2.87
CA LEU A 280 -12.56 -10.43 4.28
C LEU A 280 -12.86 -11.88 4.68
N ARG A 281 -11.85 -12.74 4.47
CA ARG A 281 -11.89 -14.15 4.84
C ARG A 281 -10.61 -14.54 5.56
N PHE A 282 -10.67 -15.60 6.38
CA PHE A 282 -9.48 -16.11 7.08
C PHE A 282 -8.50 -16.76 6.11
N GLU A 283 -8.99 -17.69 5.30
N GLU A 283 -8.98 -17.70 5.31
CA GLU A 283 -8.18 -18.40 4.31
CA GLU A 283 -8.16 -18.41 4.32
C GLU A 283 -7.78 -17.45 3.17
C GLU A 283 -7.78 -17.47 3.16
N PRO A 284 -6.47 -17.25 2.93
CA PRO A 284 -6.02 -16.39 1.81
C PRO A 284 -6.38 -16.88 0.40
N SER A 285 -6.40 -18.20 0.21
CA SER A 285 -6.87 -18.80 -1.05
C SER A 285 -8.37 -18.57 -1.31
N ALA A 286 -9.15 -18.44 -0.23
CA ALA A 286 -10.58 -18.15 -0.33
C ALA A 286 -10.92 -16.72 -0.80
N ARG A 287 -9.95 -15.81 -0.71
CA ARG A 287 -10.17 -14.41 -1.10
C ARG A 287 -10.14 -14.21 -2.59
N ILE A 288 -11.04 -13.34 -3.07
CA ILE A 288 -11.07 -12.92 -4.47
C ILE A 288 -9.83 -12.10 -4.78
N SER A 289 -9.28 -12.28 -5.98
CA SER A 289 -8.12 -11.49 -6.43
C SER A 289 -8.56 -10.08 -6.85
N ALA A 290 -7.59 -9.20 -7.07
CA ALA A 290 -7.86 -7.85 -7.59
C ALA A 290 -8.51 -7.90 -8.98
N ALA A 291 -7.97 -8.77 -9.84
CA ALA A 291 -8.47 -8.93 -11.21
C ALA A 291 -9.93 -9.42 -11.27
N ALA A 292 -10.27 -10.38 -10.41
CA ALA A 292 -11.66 -10.88 -10.30
C ALA A 292 -12.58 -9.88 -9.63
N ALA A 293 -12.06 -9.09 -8.71
CA ALA A 293 -12.85 -8.03 -8.03
C ALA A 293 -13.32 -6.96 -9.01
N LEU A 294 -12.45 -6.57 -9.96
CA LEU A 294 -12.83 -5.63 -11.01
C LEU A 294 -14.00 -6.14 -11.87
N ARG A 295 -14.13 -7.47 -11.97
CA ARG A 295 -15.26 -8.11 -12.68
C ARG A 295 -16.57 -8.19 -11.90
N HIS A 296 -16.59 -7.68 -10.66
CA HIS A 296 -17.78 -7.75 -9.81
C HIS A 296 -18.86 -6.73 -10.25
N PRO A 297 -20.15 -7.09 -10.12
CA PRO A 297 -21.24 -6.16 -10.45
C PRO A 297 -21.17 -4.77 -9.80
N PHE A 298 -20.68 -4.71 -8.56
CA PHE A 298 -20.46 -3.45 -7.84
C PHE A 298 -19.60 -2.46 -8.63
N LEU A 299 -18.57 -2.97 -9.31
CA LEU A 299 -17.68 -2.15 -10.14
C LEU A 299 -18.03 -2.15 -11.64
N ALA A 300 -19.24 -2.58 -12.00
CA ALA A 300 -19.66 -2.69 -13.41
C ALA A 300 -19.60 -1.36 -14.16
N LYS A 301 -19.96 -0.29 -13.45
CA LYS A 301 -19.97 1.09 -13.98
C LYS A 301 -18.62 1.55 -14.57
N TYR A 302 -17.52 1.14 -13.94
CA TYR A 302 -16.17 1.56 -14.33
C TYR A 302 -15.34 0.50 -15.05
N HIS A 303 -15.69 -0.76 -14.88
CA HIS A 303 -14.91 -1.88 -15.44
C HIS A 303 -14.75 -1.79 -16.97
N ASP A 304 -13.53 -2.01 -17.44
CA ASP A 304 -13.20 -2.15 -18.86
C ASP A 304 -11.82 -2.81 -18.95
N PRO A 305 -11.76 -4.07 -19.38
CA PRO A 305 -10.47 -4.79 -19.32
C PRO A 305 -9.38 -4.29 -20.29
N ASP A 306 -9.78 -3.62 -21.36
CA ASP A 306 -8.84 -2.96 -22.27
C ASP A 306 -8.19 -1.73 -21.62
N ASP A 307 -8.82 -1.18 -20.57
CA ASP A 307 -8.31 -0.03 -19.82
C ASP A 307 -7.78 -0.40 -18.42
N GLU A 308 -7.41 -1.67 -18.22
CA GLU A 308 -6.97 -2.19 -16.92
C GLU A 308 -5.77 -3.11 -17.12
N PRO A 309 -4.61 -2.55 -17.48
CA PRO A 309 -3.49 -3.38 -17.92
C PRO A 309 -2.84 -4.20 -16.82
N ASP A 310 -2.16 -5.27 -17.22
CA ASP A 310 -1.19 -5.95 -16.36
C ASP A 310 0.16 -5.23 -16.48
N CYS A 311 1.08 -5.60 -15.60
CA CYS A 311 2.46 -5.14 -15.65
C CYS A 311 3.30 -6.26 -16.22
N ALA A 312 4.21 -5.92 -17.12
CA ALA A 312 5.15 -6.89 -17.70
C ALA A 312 6.46 -6.20 -18.09
N PRO A 313 7.62 -6.80 -17.77
CA PRO A 313 7.85 -8.06 -17.04
C PRO A 313 7.66 -7.87 -15.54
N PRO A 314 7.67 -8.97 -14.75
CA PRO A 314 7.52 -8.83 -13.30
C PRO A 314 8.75 -8.22 -12.62
N PHE A 315 8.57 -7.78 -11.38
CA PHE A 315 9.62 -7.12 -10.63
C PHE A 315 10.53 -8.13 -9.94
N ASP A 316 11.83 -7.98 -10.13
CA ASP A 316 12.84 -8.86 -9.53
C ASP A 316 13.29 -8.26 -8.19
N PHE A 317 13.03 -8.98 -7.10
CA PHE A 317 13.47 -8.58 -5.75
C PHE A 317 14.83 -9.17 -5.31
N ALA A 318 15.55 -9.83 -6.21
CA ALA A 318 16.85 -10.44 -5.90
C ALA A 318 17.88 -9.44 -5.36
N PHE A 319 17.85 -8.22 -5.88
CA PHE A 319 18.74 -7.15 -5.41
C PHE A 319 18.62 -6.87 -3.91
N ASP A 320 17.40 -7.02 -3.38
CA ASP A 320 17.12 -6.75 -1.97
C ASP A 320 17.60 -7.87 -1.05
N ARG A 321 17.75 -9.08 -1.58
CA ARG A 321 18.26 -10.23 -0.79
C ARG A 321 19.78 -10.20 -0.58
N GLU A 322 20.49 -9.37 -1.36
CA GLU A 322 21.95 -9.24 -1.21
C GLU A 322 22.32 -8.59 0.12
N ALA A 323 23.43 -9.04 0.70
CA ALA A 323 23.98 -8.47 1.93
C ALA A 323 25.00 -7.39 1.57
N LEU A 324 24.50 -6.17 1.34
CA LEU A 324 25.32 -5.03 0.94
C LEU A 324 25.58 -4.11 2.12
N THR A 325 26.75 -3.48 2.13
CA THR A 325 27.07 -2.46 3.13
C THR A 325 26.42 -1.12 2.75
N ARG A 326 26.45 -0.17 3.68
CA ARG A 326 25.84 1.16 3.47
C ARG A 326 26.38 1.85 2.20
N GLU A 327 27.69 1.75 1.99
CA GLU A 327 28.36 2.38 0.86
C GLU A 327 27.98 1.73 -0.46
N ARG A 328 27.97 0.39 -0.51
CA ARG A 328 27.52 -0.35 -1.71
C ARG A 328 26.07 -0.04 -2.11
N ILE A 329 25.21 0.19 -1.12
CA ILE A 329 23.83 0.58 -1.36
C ILE A 329 23.77 2.03 -1.87
N LYS A 330 24.60 2.91 -1.31
CA LYS A 330 24.71 4.29 -1.81
C LYS A 330 25.13 4.30 -3.29
N GLU A 331 26.13 3.50 -3.63
CA GLU A 331 26.53 3.28 -5.04
C GLU A 331 25.38 2.77 -5.90
N ALA A 332 24.62 1.82 -5.36
CA ALA A 332 23.47 1.24 -6.06
C ALA A 332 22.37 2.28 -6.31
N ILE A 333 22.08 3.09 -5.28
CA ILE A 333 21.11 4.17 -5.40
C ILE A 333 21.57 5.21 -6.43
N VAL A 334 22.82 5.64 -6.32
CA VAL A 334 23.39 6.60 -7.29
C VAL A 334 23.31 6.07 -8.74
N ALA A 335 23.48 4.77 -8.91
CA ALA A 335 23.31 4.10 -10.21
C ALA A 335 21.89 4.28 -10.75
N GLU A 336 20.88 4.16 -9.89
CA GLU A 336 19.48 4.37 -10.29
C GLU A 336 19.22 5.81 -10.75
N ILE A 337 19.73 6.78 -10.00
CA ILE A 337 19.66 8.20 -10.37
C ILE A 337 20.33 8.44 -11.73
N GLU A 338 21.48 7.82 -11.96
CA GLU A 338 22.13 7.85 -13.29
C GLU A 338 21.29 7.15 -14.37
N ASP A 339 20.72 5.99 -14.04
CA ASP A 339 19.90 5.20 -14.99
C ASP A 339 18.59 5.91 -15.36
N PHE A 340 17.96 6.58 -14.38
CA PHE A 340 16.76 7.39 -14.59
C PHE A 340 16.99 8.46 -15.64
N HIS A 341 18.07 9.22 -15.49
CA HIS A 341 18.41 10.30 -16.41
C HIS A 341 18.89 9.82 -17.78
N ALA A 342 19.58 8.68 -17.81
CA ALA A 342 20.03 8.06 -19.07
C ALA A 342 18.85 7.49 -19.88
N ARG A 343 17.84 6.95 -19.20
CA ARG A 343 16.62 6.44 -19.85
C ARG A 343 15.79 7.53 -20.53
N ARG A 344 15.91 8.79 -20.06
CA ARG A 344 15.24 9.95 -20.65
C ARG A 344 16.14 10.68 -21.67
N GLU A 345 16.75 9.91 -22.58
CA GLU A 345 17.56 10.44 -23.68
C GLU A 345 17.39 9.56 -24.93
N GLY A 346 16.16 9.47 -25.41
CA GLY A 346 15.83 8.66 -26.58
C GLY A 346 14.41 8.85 -27.08
C1 4WG B . -0.87 18.86 -0.35
C2 4WG B . -1.53 16.77 0.70
C3 4WG B . -2.06 17.13 1.92
C4 4WG B . -2.03 16.23 3.00
C5 4WG B . -1.47 14.97 2.80
C6 4WG B . -0.95 14.60 1.57
C7 4WG B . -0.97 15.49 0.49
C8 4WG B . 0.57 14.27 -1.11
C11 4WG B . 2.13 12.77 -0.33
C12 4WG B . 2.48 10.65 0.80
C15 4WG B . 1.99 7.91 0.79
C16 4WG B . 2.75 8.47 -0.22
C17 4WG B . 3.00 9.84 -0.23
C18 4WG B . 3.84 10.34 -1.38
C19 4WG B . 4.51 11.97 -3.13
C21 4WG B . -2.46 17.90 4.83
C23 4WG B . -3.09 16.90 7.05
C24 4WG B . -3.14 15.55 6.39
O1 4WG B . 4.77 9.64 -1.79
N4 4WG B . 3.62 11.61 -2.02
C10 4WG B . 2.58 12.51 -1.66
C9 4WG B . 1.89 13.25 -2.63
N1 4WG B . 0.90 14.12 -2.39
C14 4WG B . 1.48 8.69 1.80
C13 4WG B . 1.72 10.06 1.81
N3 4WG B . 2.76 12.08 0.78
C20 4WG B . 2.84 12.79 2.06
N2 4WG B . 1.15 13.64 -0.07
N 4WG B . -0.43 15.14 -0.75
O 4WG B . -1.53 17.60 -0.40
C 4WG B . -1.06 19.52 -1.64
N5 4WG B . -2.56 16.56 4.24
C25 4WG B . -3.51 15.67 4.92
O2 4WG B . -2.73 16.77 8.42
C22 4WG B . -2.12 17.80 6.32
#